data_3BYX
#
_entry.id   3BYX
#
_cell.length_a   77.012
_cell.length_b   77.012
_cell.length_c   213.970
_cell.angle_alpha   90.000
_cell.angle_beta   90.000
_cell.angle_gamma   120.000
#
_symmetry.space_group_name_H-M   'P 61 2 2'
#
loop_
_entity.id
_entity.type
_entity.pdbx_description
1 polymer 'Thymidylate synthase'
2 non-polymer "2'-DEOXYURIDINE 5'-MONOPHOSPHATE"
3 non-polymer 2-(4-hydroxybiphenyl-3-yl)-4-methyl-1H-isoindole-1,3(2H)-dione
4 water water
#
_entity_poly.entity_id   1
_entity_poly.type   'polypeptide(L)'
_entity_poly.pdbx_seq_one_letter_code
;MLEQPYLDLAKKVLDEGHFKPDRTHTGTYSIFGHQMRFDLSKGFPLLTTKKVPFGLIKSELLWFLHGDTNIRFLLQHRNH
IWDEWAFEKWVKSDEYHGPDMTDFGHRSQKDPEFAAVYHEEMAKFDDRVLHDDAFAAKYGDLGLVYGSQWRAWHTSKGDT
IDQLGDVIEQIKTHPYSRRLIVSAWNPEDVPTMALPPCHTLYQFYVNDGKLSLQLYQRSADIFLGVPFNIASYALLTHLV
AHECGLEVGEFIHTFGDAHLYVNHLDQIKEQLSRTPRPAPTLQLNPDKHDIFDFDMKDIKLLNYDPYPAIKAPVAV
;
_entity_poly.pdbx_strand_id   A
#
loop_
_chem_comp.id
_chem_comp.type
_chem_comp.name
_chem_comp.formula
C00 non-polymer 2-(4-hydroxybiphenyl-3-yl)-4-methyl-1H-isoindole-1,3(2H)-dione 'C21 H15 N O3'
UMP non-polymer '2'-DEOXYURIDINE 5'-MONOPHOSPHATE' 'C9 H13 N2 O8 P'
#
# COMPACT_ATOMS: atom_id res chain seq x y z
N MET A 1 23.18 -5.01 -2.09
CA MET A 1 22.27 -4.67 -0.95
C MET A 1 20.83 -5.03 -1.23
N LEU A 2 20.07 -5.34 -0.18
CA LEU A 2 18.69 -5.83 -0.35
C LEU A 2 17.76 -4.92 -1.19
N GLU A 3 18.01 -3.63 -1.17
CA GLU A 3 17.14 -2.68 -1.84
C GLU A 3 17.72 -2.26 -3.19
N GLN A 4 18.79 -2.92 -3.61
CA GLN A 4 19.39 -2.54 -4.88
C GLN A 4 18.39 -2.61 -6.03
N PRO A 5 17.61 -3.71 -6.14
CA PRO A 5 16.60 -3.79 -7.22
C PRO A 5 15.64 -2.60 -7.29
N TYR A 6 15.27 -2.00 -6.16
CA TYR A 6 14.56 -0.72 -6.20
C TYR A 6 15.41 0.37 -6.85
N LEU A 7 16.66 0.48 -6.45
CA LEU A 7 17.53 1.50 -7.01
C LEU A 7 17.83 1.24 -8.50
N ASP A 8 18.03 -0.01 -8.91
CA ASP A 8 18.09 -0.29 -10.38
C ASP A 8 16.81 0.05 -11.16
N LEU A 9 15.64 -0.20 -10.58
CA LEU A 9 14.42 0.20 -11.26
C LEU A 9 14.33 1.71 -11.52
N ALA A 10 14.50 2.53 -10.47
CA ALA A 10 14.58 3.97 -10.63
C ALA A 10 15.57 4.32 -11.74
N LYS A 11 16.80 3.86 -11.63
CA LYS A 11 17.84 4.09 -12.64
C LYS A 11 17.50 3.58 -14.08
N LYS A 12 16.82 2.44 -14.22
CA LYS A 12 16.35 1.97 -15.54
C LYS A 12 15.32 2.94 -16.17
N VAL A 13 14.35 3.39 -15.39
CA VAL A 13 13.35 4.33 -15.91
C VAL A 13 13.95 5.71 -16.20
N LEU A 14 15.00 6.03 -15.46
CA LEU A 14 15.74 7.24 -15.67
C LEU A 14 16.41 7.21 -17.04
N ASP A 15 17.25 6.19 -17.26
CA ASP A 15 18.00 6.07 -18.50
C ASP A 15 17.14 5.61 -19.69
N GLU A 16 16.45 4.48 -19.59
CA GLU A 16 15.75 4.00 -20.79
C GLU A 16 14.20 4.11 -20.85
N GLY A 17 13.60 4.78 -19.87
CA GLY A 17 12.16 5.04 -19.86
C GLY A 17 11.78 6.06 -20.90
N HIS A 18 10.56 5.92 -21.41
CA HIS A 18 10.01 6.82 -22.44
C HIS A 18 8.92 7.73 -21.88
N PHE A 19 8.82 8.95 -22.40
CA PHE A 19 7.77 9.85 -21.95
C PHE A 19 6.37 9.35 -22.28
N LYS A 20 5.52 9.28 -21.26
CA LYS A 20 4.16 8.83 -21.42
C LYS A 20 3.23 9.82 -20.75
N PRO A 21 2.24 10.36 -21.50
CA PRO A 21 1.10 11.04 -20.90
C PRO A 21 0.46 10.19 -19.81
N ASP A 22 -0.16 10.85 -18.82
CA ASP A 22 -0.92 10.14 -17.79
C ASP A 22 -2.30 10.75 -17.42
N ARG A 23 -3.08 10.01 -16.62
CA ARG A 23 -4.44 10.41 -16.20
C ARG A 23 -4.48 11.74 -15.43
N THR A 24 -3.40 12.02 -14.70
CA THR A 24 -3.31 13.20 -13.82
C THR A 24 -2.70 14.47 -14.48
N HIS A 25 -2.26 14.35 -15.73
CA HIS A 25 -1.69 15.46 -16.52
C HIS A 25 -0.36 16.04 -16.00
N THR A 26 0.29 15.29 -15.11
CA THR A 26 1.72 15.38 -14.87
C THR A 26 2.37 14.70 -16.08
N GLY A 27 3.66 14.88 -16.33
CA GLY A 27 4.31 13.95 -17.29
C GLY A 27 4.87 12.74 -16.55
N THR A 28 5.05 11.61 -17.23
CA THR A 28 5.78 10.49 -16.62
C THR A 28 6.90 10.01 -17.55
N TYR A 29 7.89 9.34 -17.00
CA TYR A 29 8.80 8.51 -17.78
C TYR A 29 8.44 7.13 -17.37
N SER A 30 8.25 6.26 -18.35
CA SER A 30 7.58 5.03 -18.09
C SER A 30 8.28 3.81 -18.74
N ILE A 31 8.16 2.66 -18.08
CA ILE A 31 8.44 1.35 -18.68
C ILE A 31 7.30 0.38 -18.37
N PHE A 32 7.05 -0.58 -19.27
CA PHE A 32 6.01 -1.58 -19.11
C PHE A 32 6.61 -2.99 -18.98
N GLY A 33 6.29 -3.65 -17.86
CA GLY A 33 6.73 -5.00 -17.60
C GLY A 33 8.05 -4.96 -16.88
N HIS A 34 8.05 -5.24 -15.60
CA HIS A 34 9.30 -5.26 -14.83
C HIS A 34 9.18 -6.21 -13.66
N GLN A 35 10.30 -6.73 -13.17
CA GLN A 35 10.24 -7.71 -12.09
C GLN A 35 11.47 -7.63 -11.18
N MET A 36 11.22 -7.38 -9.89
CA MET A 36 12.24 -7.33 -8.81
C MET A 36 12.03 -8.50 -7.87
N ARG A 37 13.10 -9.00 -7.25
CA ARG A 37 12.99 -10.04 -6.22
C ARG A 37 13.67 -9.54 -4.96
N PHE A 38 13.05 -9.84 -3.82
CA PHE A 38 13.67 -9.61 -2.53
C PHE A 38 13.66 -10.90 -1.72
N ASP A 39 14.87 -11.39 -1.43
CA ASP A 39 15.09 -12.53 -0.55
C ASP A 39 14.82 -12.10 0.89
N LEU A 40 13.72 -12.61 1.44
CA LEU A 40 13.32 -12.18 2.76
C LEU A 40 14.14 -12.83 3.89
N SER A 41 14.81 -13.94 3.58
CA SER A 41 15.77 -14.53 4.54
C SER A 41 16.90 -13.55 4.89
N LYS A 42 17.26 -12.67 3.96
CA LYS A 42 18.35 -11.72 4.15
C LYS A 42 18.11 -10.46 5.03
N GLY A 43 16.88 -10.24 5.50
CA GLY A 43 16.49 -8.96 6.15
C GLY A 43 15.24 -8.33 5.54
N PHE A 44 14.83 -7.17 6.04
CA PHE A 44 13.55 -6.57 5.62
C PHE A 44 13.64 -5.40 4.62
N PRO A 45 12.92 -5.49 3.47
CA PRO A 45 13.09 -4.47 2.41
C PRO A 45 12.41 -3.10 2.62
N LEU A 46 12.76 -2.47 3.74
CA LEU A 46 12.37 -1.10 4.04
C LEU A 46 13.56 -0.26 3.54
N LEU A 47 13.33 0.61 2.54
CA LEU A 47 14.45 1.36 2.00
C LEU A 47 15.16 2.10 3.11
N THR A 48 16.48 2.01 3.11
CA THR A 48 17.31 2.77 4.03
C THR A 48 17.69 4.12 3.39
N THR A 49 17.64 4.22 2.06
CA THR A 49 18.12 5.44 1.38
C THR A 49 17.06 6.53 1.32
N LYS A 50 15.87 6.22 1.86
CA LYS A 50 14.79 7.16 1.97
C LYS A 50 13.92 6.62 3.07
N LYS A 51 13.60 7.47 4.03
CA LYS A 51 12.80 7.05 5.13
C LYS A 51 11.37 6.61 4.72
N VAL A 52 11.00 5.40 5.15
CA VAL A 52 9.62 4.95 4.97
C VAL A 52 9.11 4.59 6.36
N PRO A 53 8.07 5.31 6.85
CA PRO A 53 7.58 5.12 8.21
C PRO A 53 6.87 3.77 8.33
N PHE A 54 7.51 2.83 9.00
CA PHE A 54 6.98 1.46 9.10
C PHE A 54 5.67 1.39 9.90
N GLY A 55 5.54 2.29 10.88
CA GLY A 55 4.31 2.47 11.62
C GLY A 55 3.13 2.66 10.71
N LEU A 56 3.29 3.52 9.71
CA LEU A 56 2.28 3.68 8.66
C LEU A 56 2.00 2.43 7.83
N ILE A 57 3.04 1.74 7.37
CA ILE A 57 2.84 0.47 6.68
C ILE A 57 1.97 -0.45 7.54
N LYS A 58 2.45 -0.79 8.73
CA LYS A 58 1.80 -1.82 9.55
C LYS A 58 0.38 -1.52 9.99
N SER A 59 0.04 -0.24 10.17
CA SER A 59 -1.31 0.09 10.64
C SER A 59 -2.29 -0.03 9.47
N GLU A 60 -1.86 0.37 8.27
CA GLU A 60 -2.64 0.19 7.06
C GLU A 60 -2.82 -1.29 6.76
N LEU A 61 -1.76 -2.12 6.86
CA LEU A 61 -1.92 -3.55 6.52
C LEU A 61 -2.82 -4.27 7.50
N LEU A 62 -2.82 -3.82 8.74
CA LEU A 62 -3.70 -4.34 9.77
C LEU A 62 -5.13 -3.93 9.52
N TRP A 63 -5.33 -2.68 9.12
CA TRP A 63 -6.65 -2.17 8.61
C TRP A 63 -7.19 -3.16 7.61
N PHE A 64 -6.43 -3.42 6.53
CA PHE A 64 -6.74 -4.43 5.48
C PHE A 64 -7.07 -5.82 6.03
N LEU A 65 -6.19 -6.32 6.91
CA LEU A 65 -6.28 -7.66 7.47
C LEU A 65 -7.49 -7.90 8.37
N HIS A 66 -8.09 -6.83 8.87
CA HIS A 66 -9.33 -6.85 9.65
C HIS A 66 -10.62 -6.70 8.78
N GLY A 67 -10.44 -6.39 7.49
CA GLY A 67 -11.58 -6.20 6.59
C GLY A 67 -12.18 -4.81 6.74
N ASP A 68 -11.41 -3.93 7.33
CA ASP A 68 -11.86 -2.59 7.63
C ASP A 68 -11.69 -1.66 6.43
N THR A 69 -12.63 -0.72 6.28
CA THR A 69 -12.68 0.16 5.13
C THR A 69 -12.98 1.60 5.55
N ASN A 70 -13.01 1.81 6.88
CA ASN A 70 -13.32 3.10 7.49
C ASN A 70 -12.06 3.80 7.97
N ILE A 71 -11.85 5.01 7.51
CA ILE A 71 -10.70 5.88 7.85
C ILE A 71 -10.47 5.98 9.36
N ARG A 72 -11.51 5.75 10.15
CA ARG A 72 -11.40 5.93 11.61
C ARG A 72 -10.26 5.16 12.27
N PHE A 73 -10.10 3.89 11.91
CA PHE A 73 -9.05 3.08 12.51
C PHE A 73 -7.65 3.64 12.17
N LEU A 74 -7.48 4.07 10.92
CA LEU A 74 -6.26 4.72 10.45
C LEU A 74 -5.96 5.95 11.30
N LEU A 75 -6.97 6.81 11.42
CA LEU A 75 -6.89 8.03 12.21
C LEU A 75 -6.47 7.77 13.66
N GLN A 76 -7.00 6.73 14.30
CA GLN A 76 -6.65 6.41 15.69
C GLN A 76 -5.16 6.06 15.81
N HIS A 77 -4.50 5.91 14.67
CA HIS A 77 -3.07 5.57 14.65
C HIS A 77 -2.32 6.68 13.97
N ARG A 78 -3.03 7.80 13.82
CA ARG A 78 -2.55 8.97 13.11
C ARG A 78 -1.88 8.50 11.81
N ASN A 79 -2.68 7.80 11.01
CA ASN A 79 -2.28 7.33 9.68
C ASN A 79 -3.16 8.10 8.72
N HIS A 80 -2.59 9.10 8.05
CA HIS A 80 -3.39 9.96 7.19
C HIS A 80 -3.30 9.63 5.70
N ILE A 81 -2.91 8.38 5.39
CA ILE A 81 -2.67 7.89 4.03
C ILE A 81 -3.90 7.85 3.11
N TRP A 82 -5.11 7.74 3.67
CA TRP A 82 -6.34 7.59 2.86
C TRP A 82 -7.34 8.73 3.10
N ASP A 83 -6.94 9.71 3.89
CA ASP A 83 -7.83 10.80 4.30
C ASP A 83 -8.52 11.51 3.14
N GLU A 84 -7.77 11.73 2.06
CA GLU A 84 -8.17 12.61 0.95
C GLU A 84 -9.29 12.01 0.11
N TRP A 85 -9.41 10.67 0.16
CA TRP A 85 -10.45 9.92 -0.52
C TRP A 85 -11.78 10.01 0.20
N ALA A 86 -11.72 10.02 1.54
CA ALA A 86 -12.89 10.12 2.39
C ALA A 86 -13.44 11.54 2.34
N PHE A 87 -12.52 12.50 2.32
CA PHE A 87 -12.80 13.92 2.23
C PHE A 87 -13.60 14.23 0.97
N GLU A 88 -13.17 13.61 -0.14
CA GLU A 88 -13.85 13.60 -1.45
C GLU A 88 -15.37 13.56 -1.34
N LYS A 89 -15.90 12.61 -0.58
CA LYS A 89 -17.34 12.39 -0.47
C LYS A 89 -17.99 13.30 0.56
N TRP A 90 -17.18 13.95 1.39
CA TRP A 90 -17.66 14.98 2.32
C TRP A 90 -17.84 16.31 1.60
N VAL A 91 -16.75 16.84 1.03
CA VAL A 91 -16.80 18.06 0.21
C VAL A 91 -17.93 18.07 -0.84
N LYS A 92 -18.02 17.00 -1.63
CA LYS A 92 -18.93 16.97 -2.77
C LYS A 92 -20.36 16.54 -2.41
N SER A 93 -20.55 16.08 -1.17
CA SER A 93 -21.85 15.58 -0.71
C SER A 93 -22.90 16.69 -0.54
N ASP A 94 -24.15 16.24 -0.52
CA ASP A 94 -25.33 17.05 -0.20
C ASP A 94 -25.45 17.46 1.27
N GLU A 95 -24.39 17.21 2.04
CA GLU A 95 -24.35 17.57 3.47
C GLU A 95 -23.22 18.56 3.77
N TYR A 96 -22.42 18.90 2.76
CA TYR A 96 -21.29 19.84 2.95
C TYR A 96 -21.66 21.30 2.76
N HIS A 97 -21.27 22.10 3.75
CA HIS A 97 -21.35 23.55 3.66
C HIS A 97 -20.02 24.08 4.20
N GLY A 98 -19.39 24.99 3.47
CA GLY A 98 -18.10 25.56 3.86
C GLY A 98 -17.42 26.24 2.67
N PRO A 99 -16.11 26.56 2.80
CA PRO A 99 -15.36 27.17 1.68
C PRO A 99 -15.15 26.19 0.53
N ASP A 100 -14.72 26.69 -0.63
CA ASP A 100 -14.58 25.87 -1.86
C ASP A 100 -13.59 24.72 -1.69
N MET A 101 -14.01 23.51 -2.03
CA MET A 101 -13.13 22.34 -1.89
C MET A 101 -12.99 21.48 -3.15
N THR A 102 -13.41 22.05 -4.29
CA THR A 102 -13.20 21.46 -5.61
C THR A 102 -11.70 21.42 -5.88
N ASP A 103 -11.26 20.43 -6.66
CA ASP A 103 -9.84 20.22 -6.95
C ASP A 103 -8.96 20.20 -5.71
N PHE A 104 -9.56 19.99 -4.53
CA PHE A 104 -8.85 20.20 -3.26
C PHE A 104 -7.39 19.75 -3.24
N GLY A 105 -7.16 18.49 -3.61
CA GLY A 105 -5.83 17.91 -3.60
C GLY A 105 -4.92 18.52 -4.65
N HIS A 106 -5.52 18.97 -5.75
CA HIS A 106 -4.79 19.51 -6.88
C HIS A 106 -4.31 20.94 -6.63
N ARG A 107 -5.21 21.81 -6.15
CA ARG A 107 -4.89 23.22 -5.93
C ARG A 107 -4.18 23.52 -4.60
N SER A 108 -4.11 22.53 -3.71
CA SER A 108 -3.36 22.65 -2.45
C SER A 108 -1.84 22.72 -2.65
N GLN A 109 -1.41 22.68 -3.92
CA GLN A 109 0.01 22.75 -4.26
C GLN A 109 0.36 24.16 -4.73
N PRO A 112 -1.18 27.64 -2.88
CA PRO A 112 -0.21 27.89 -1.83
C PRO A 112 -0.81 28.66 -0.66
N GLU A 113 -1.88 29.39 -0.93
CA GLU A 113 -2.64 30.06 0.13
C GLU A 113 -3.88 29.22 0.49
N PHE A 114 -4.42 28.50 -0.50
CA PHE A 114 -5.52 27.54 -0.31
C PHE A 114 -5.13 26.45 0.70
N ALA A 115 -3.85 26.07 0.68
CA ALA A 115 -3.31 25.06 1.58
C ALA A 115 -3.54 25.35 3.08
N ALA A 116 -3.92 26.58 3.42
CA ALA A 116 -4.15 26.95 4.81
C ALA A 116 -5.57 26.60 5.29
N VAL A 117 -6.56 26.93 4.48
CA VAL A 117 -7.97 26.64 4.79
C VAL A 117 -8.33 25.18 4.55
N TYR A 118 -7.58 24.54 3.65
CA TYR A 118 -7.74 23.13 3.36
C TYR A 118 -7.34 22.27 4.57
N HIS A 119 -6.19 22.59 5.16
CA HIS A 119 -5.70 21.91 6.34
C HIS A 119 -6.68 22.14 7.47
N GLU A 120 -7.46 23.20 7.36
CA GLU A 120 -8.47 23.52 8.36
C GLU A 120 -9.69 22.61 8.29
N GLU A 121 -10.23 22.43 7.09
CA GLU A 121 -11.41 21.58 6.90
C GLU A 121 -11.08 20.09 7.09
N MET A 122 -9.84 19.73 6.80
CA MET A 122 -9.36 18.36 6.97
C MET A 122 -9.19 17.98 8.45
N ALA A 123 -8.94 18.98 9.31
CA ALA A 123 -8.88 18.75 10.76
C ALA A 123 -10.28 18.63 11.37
N LYS A 124 -11.23 19.34 10.78
CA LYS A 124 -12.63 19.28 11.18
C LYS A 124 -13.25 17.96 10.73
N PHE A 125 -12.77 17.45 9.58
CA PHE A 125 -13.24 16.19 9.04
C PHE A 125 -12.70 14.99 9.81
N ASP A 126 -11.43 15.05 10.21
CA ASP A 126 -10.79 13.96 10.95
C ASP A 126 -11.34 13.76 12.36
N ASP A 127 -11.50 14.87 13.10
CA ASP A 127 -12.03 14.83 14.46
C ASP A 127 -13.46 14.36 14.45
N ARG A 128 -14.22 14.86 13.48
CA ARG A 128 -15.60 14.48 13.28
C ARG A 128 -15.75 12.98 13.03
N VAL A 129 -14.97 12.42 12.09
CA VAL A 129 -14.94 10.97 11.85
C VAL A 129 -14.53 10.15 13.10
N LEU A 130 -13.54 10.65 13.82
CA LEU A 130 -13.12 10.08 15.10
C LEU A 130 -14.25 9.95 16.15
N HIS A 131 -15.09 10.98 16.27
CA HIS A 131 -16.03 11.09 17.41
C HIS A 131 -17.52 11.14 17.05
N ASP A 132 -17.82 11.15 15.75
CA ASP A 132 -19.19 11.17 15.28
C ASP A 132 -19.43 9.92 14.41
N ASP A 133 -20.00 8.90 15.04
CA ASP A 133 -20.23 7.58 14.44
C ASP A 133 -21.05 7.59 13.14
N ALA A 134 -22.11 8.38 13.10
CA ALA A 134 -22.98 8.46 11.93
C ALA A 134 -22.27 9.14 10.76
N PHE A 135 -21.47 10.16 11.08
CA PHE A 135 -20.59 10.81 10.11
C PHE A 135 -19.55 9.81 9.58
N ALA A 136 -18.74 9.26 10.51
CA ALA A 136 -17.85 8.14 10.24
C ALA A 136 -18.45 7.14 9.26
N ALA A 137 -19.67 6.68 9.54
CA ALA A 137 -20.32 5.68 8.69
C ALA A 137 -20.55 6.17 7.28
N LYS A 138 -20.90 7.45 7.13
CA LYS A 138 -21.22 8.05 5.82
C LYS A 138 -19.99 8.48 5.02
N TYR A 139 -19.04 9.14 5.69
CA TYR A 139 -17.90 9.75 5.03
C TYR A 139 -16.56 9.14 5.38
N GLY A 140 -16.51 8.37 6.46
CA GLY A 140 -15.27 7.70 6.86
C GLY A 140 -15.01 6.38 6.14
N ASP A 141 -16.10 5.73 5.71
CA ASP A 141 -16.04 4.42 5.06
C ASP A 141 -15.72 4.61 3.59
N LEU A 142 -14.63 3.97 3.16
CA LEU A 142 -14.16 4.05 1.76
C LEU A 142 -14.88 3.09 0.78
N GLY A 143 -15.45 2.02 1.29
CA GLY A 143 -16.15 1.06 0.43
C GLY A 143 -15.20 0.04 -0.18
N LEU A 144 -15.07 0.08 -1.50
CA LEU A 144 -14.34 -0.91 -2.26
C LEU A 144 -12.80 -0.73 -2.23
N VAL A 145 -12.24 -0.75 -1.03
CA VAL A 145 -10.80 -0.74 -0.84
C VAL A 145 -10.36 -2.13 -0.35
N TYR A 146 -9.05 -2.30 -0.16
CA TYR A 146 -8.44 -3.62 -0.05
C TYR A 146 -8.97 -4.52 1.07
N GLY A 147 -9.56 -3.94 2.10
CA GLY A 147 -10.21 -4.69 3.15
C GLY A 147 -11.43 -5.49 2.71
N SER A 148 -12.32 -4.87 1.94
CA SER A 148 -13.45 -5.62 1.45
C SER A 148 -13.01 -6.65 0.42
N GLN A 149 -12.21 -6.22 -0.55
CA GLN A 149 -11.76 -7.13 -1.60
C GLN A 149 -11.08 -8.40 -1.06
N TRP A 150 -10.16 -8.27 -0.10
CA TRP A 150 -9.43 -9.42 0.48
C TRP A 150 -10.31 -10.31 1.39
N ARG A 151 -11.20 -9.70 2.17
CA ARG A 151 -11.90 -10.38 3.29
C ARG A 151 -13.44 -10.43 3.20
N ALA A 152 -14.05 -9.60 2.36
CA ALA A 152 -15.51 -9.54 2.23
C ALA A 152 -15.92 -9.31 0.76
N TRP A 153 -15.49 -10.18 -0.13
CA TRP A 153 -15.73 -9.97 -1.56
C TRP A 153 -17.18 -10.24 -1.93
N HIS A 154 -17.86 -9.25 -2.49
CA HIS A 154 -19.27 -9.42 -2.79
C HIS A 154 -19.58 -10.34 -3.98
N THR A 155 -20.48 -11.28 -3.76
CA THR A 155 -20.83 -12.33 -4.71
C THR A 155 -22.15 -12.02 -5.42
N SER A 156 -22.27 -12.54 -6.63
CA SER A 156 -23.48 -12.41 -7.47
C SER A 156 -24.76 -12.83 -6.76
N LYS A 157 -24.61 -13.69 -5.76
CA LYS A 157 -25.73 -14.23 -5.04
C LYS A 157 -26.08 -13.45 -3.74
N GLY A 158 -25.59 -12.21 -3.62
CA GLY A 158 -25.89 -11.36 -2.44
C GLY A 158 -24.92 -11.48 -1.25
N ASP A 159 -24.15 -12.55 -1.20
CA ASP A 159 -23.23 -12.81 -0.08
C ASP A 159 -21.88 -12.06 -0.21
N THR A 160 -20.86 -12.59 0.46
CA THR A 160 -19.60 -11.92 0.73
C THR A 160 -18.55 -13.02 1.01
N ILE A 161 -17.43 -12.99 0.30
CA ILE A 161 -16.43 -14.07 0.37
C ILE A 161 -15.15 -13.60 1.05
N ASP A 162 -14.66 -14.38 2.01
CA ASP A 162 -13.41 -14.13 2.69
C ASP A 162 -12.30 -14.75 1.87
N GLN A 163 -11.90 -14.03 0.83
CA GLN A 163 -10.92 -14.53 -0.13
C GLN A 163 -9.55 -14.87 0.51
N LEU A 164 -9.00 -13.95 1.30
CA LEU A 164 -7.69 -14.16 1.96
C LEU A 164 -7.69 -15.21 3.09
N GLY A 165 -8.74 -15.21 3.90
CA GLY A 165 -8.95 -16.23 4.90
C GLY A 165 -8.90 -17.64 4.33
N ASP A 166 -9.61 -17.83 3.22
CA ASP A 166 -9.72 -19.12 2.51
C ASP A 166 -8.41 -19.65 1.87
N VAL A 167 -7.65 -18.75 1.24
CA VAL A 167 -6.34 -19.02 0.68
C VAL A 167 -5.35 -19.41 1.77
N ILE A 168 -5.35 -18.75 2.94
CA ILE A 168 -4.51 -19.19 4.08
C ILE A 168 -4.80 -20.67 4.47
N GLU A 169 -6.07 -21.08 4.53
CA GLU A 169 -6.41 -22.45 4.86
C GLU A 169 -5.93 -23.43 3.76
N GLN A 170 -6.03 -22.98 2.51
CA GLN A 170 -5.47 -23.68 1.37
C GLN A 170 -3.96 -23.90 1.47
N ILE A 171 -3.19 -22.85 1.74
CA ILE A 171 -1.74 -22.98 2.00
C ILE A 171 -1.45 -23.93 3.14
N LYS A 172 -2.35 -23.98 4.12
CA LYS A 172 -2.13 -24.76 5.33
C LYS A 172 -2.29 -26.23 4.95
N THR A 173 -3.29 -26.45 4.11
CA THR A 173 -3.88 -27.74 3.76
C THR A 173 -3.40 -28.30 2.38
N HIS A 174 -3.16 -27.42 1.42
CA HIS A 174 -2.58 -27.80 0.13
C HIS A 174 -1.48 -26.79 -0.23
N PRO A 175 -0.35 -26.82 0.52
CA PRO A 175 0.71 -25.83 0.34
C PRO A 175 1.27 -25.73 -1.09
N TYR A 176 1.18 -26.85 -1.83
CA TYR A 176 1.80 -27.01 -3.15
C TYR A 176 0.90 -26.62 -4.31
N SER A 177 -0.29 -26.14 -3.95
CA SER A 177 -1.32 -25.66 -4.86
C SER A 177 -0.85 -24.45 -5.63
N ARG A 178 -1.09 -24.43 -6.95
CA ARG A 178 -0.72 -23.28 -7.80
C ARG A 178 -1.89 -22.35 -8.08
N ARG A 179 -2.92 -22.46 -7.24
CA ARG A 179 -4.12 -21.64 -7.30
C ARG A 179 -4.27 -20.69 -6.09
N LEU A 180 -3.17 -20.40 -5.40
CA LEU A 180 -3.25 -19.59 -4.15
C LEU A 180 -3.24 -18.11 -4.47
N ILE A 181 -4.32 -17.67 -5.11
CA ILE A 181 -4.45 -16.29 -5.61
C ILE A 181 -5.42 -15.48 -4.77
N VAL A 182 -5.01 -14.27 -4.42
CA VAL A 182 -5.94 -13.27 -3.90
C VAL A 182 -5.99 -12.15 -4.92
N SER A 183 -7.21 -11.75 -5.28
CA SER A 183 -7.48 -10.77 -6.30
C SER A 183 -8.26 -9.57 -5.77
N ALA A 184 -7.83 -8.38 -6.20
CA ALA A 184 -8.49 -7.15 -5.82
C ALA A 184 -9.25 -6.51 -7.01
N TRP A 185 -9.28 -7.22 -8.14
CA TRP A 185 -9.79 -6.65 -9.40
C TRP A 185 -11.19 -7.14 -9.78
N ASN A 186 -12.19 -6.30 -9.60
CA ASN A 186 -13.55 -6.73 -9.85
C ASN A 186 -14.12 -6.05 -11.09
N PRO A 187 -14.26 -6.79 -12.22
CA PRO A 187 -14.70 -6.28 -13.52
C PRO A 187 -16.05 -5.54 -13.47
N GLU A 188 -16.89 -5.96 -12.52
CA GLU A 188 -18.16 -5.31 -12.23
C GLU A 188 -17.99 -3.92 -11.60
N ASP A 189 -16.88 -3.69 -10.92
CA ASP A 189 -16.67 -2.48 -10.12
C ASP A 189 -15.68 -1.51 -10.70
N VAL A 190 -14.68 -2.02 -11.40
CA VAL A 190 -13.62 -1.13 -11.89
C VAL A 190 -14.04 0.03 -12.83
N PRO A 191 -15.16 -0.11 -13.60
CA PRO A 191 -15.43 0.97 -14.58
C PRO A 191 -15.93 2.27 -13.97
N THR A 192 -16.31 2.23 -12.69
CA THR A 192 -16.91 3.40 -12.06
C THR A 192 -16.30 3.62 -10.68
N MET A 193 -15.24 2.92 -10.33
CA MET A 193 -14.73 3.09 -8.98
C MET A 193 -13.73 4.23 -9.02
N ALA A 194 -13.63 4.87 -7.85
CA ALA A 194 -12.68 5.94 -7.58
C ALA A 194 -11.24 5.59 -7.94
N LEU A 195 -10.73 4.48 -7.41
CA LEU A 195 -9.41 3.99 -7.82
C LEU A 195 -9.55 2.49 -8.01
N PRO A 196 -9.58 2.05 -9.27
CA PRO A 196 -9.31 0.62 -9.51
C PRO A 196 -7.98 0.22 -8.84
N PRO A 197 -7.97 -0.88 -8.06
CA PRO A 197 -6.77 -1.22 -7.29
C PRO A 197 -5.51 -1.34 -8.14
N CYS A 198 -4.44 -0.66 -7.72
CA CYS A 198 -3.13 -0.76 -8.36
C CYS A 198 -2.48 -2.06 -8.01
N HIS A 199 -2.82 -2.59 -6.85
CA HIS A 199 -2.37 -3.91 -6.41
C HIS A 199 -3.38 -4.98 -6.78
N THR A 200 -3.32 -5.32 -8.05
CA THR A 200 -4.39 -6.01 -8.74
C THR A 200 -4.61 -7.44 -8.26
N LEU A 201 -3.54 -8.10 -7.83
CA LEU A 201 -3.56 -9.54 -7.71
C LEU A 201 -2.25 -9.93 -7.06
N TYR A 202 -2.31 -10.91 -6.15
CA TYR A 202 -1.10 -11.54 -5.62
C TYR A 202 -1.21 -13.07 -5.52
N GLN A 203 -0.07 -13.74 -5.36
CA GLN A 203 -0.02 -15.18 -5.46
C GLN A 203 1.02 -15.75 -4.51
N PHE A 204 0.59 -16.72 -3.70
CA PHE A 204 1.45 -17.42 -2.76
C PHE A 204 2.08 -18.68 -3.36
N TYR A 205 3.24 -19.07 -2.83
CA TYR A 205 3.94 -20.26 -3.31
C TYR A 205 4.76 -20.91 -2.20
N VAL A 206 4.60 -22.23 -2.05
CA VAL A 206 5.35 -22.96 -1.04
C VAL A 206 6.17 -24.06 -1.68
N ASN A 207 7.48 -23.92 -1.59
CA ASN A 207 8.32 -25.07 -1.78
C ASN A 207 9.57 -25.15 -0.85
N ASP A 208 9.64 -26.31 -0.21
CA ASP A 208 10.49 -26.71 0.90
C ASP A 208 10.71 -25.88 2.19
N GLY A 209 9.55 -25.60 2.77
CA GLY A 209 9.44 -24.88 4.01
C GLY A 209 9.34 -23.37 3.92
N LYS A 210 9.33 -22.85 2.69
CA LYS A 210 9.37 -21.40 2.48
C LYS A 210 8.12 -20.89 1.74
N LEU A 211 7.49 -19.85 2.30
CA LEU A 211 6.42 -19.13 1.63
C LEU A 211 6.95 -17.90 0.89
N SER A 212 6.60 -17.83 -0.40
CA SER A 212 6.87 -16.65 -1.25
C SER A 212 5.57 -16.00 -1.68
N LEU A 213 5.68 -14.77 -2.16
CA LEU A 213 4.54 -14.06 -2.69
C LEU A 213 4.99 -13.21 -3.86
N GLN A 214 4.16 -13.18 -4.91
CA GLN A 214 4.34 -12.30 -6.05
C GLN A 214 3.15 -11.36 -6.18
N LEU A 215 3.43 -10.07 -6.29
CA LEU A 215 2.40 -9.06 -6.55
C LEU A 215 2.41 -8.66 -8.01
N TYR A 216 1.24 -8.62 -8.63
CA TYR A 216 1.09 -7.96 -9.91
C TYR A 216 0.54 -6.57 -9.63
N GLN A 217 1.40 -5.55 -9.78
CA GLN A 217 1.01 -4.16 -9.59
C GLN A 217 0.81 -3.51 -10.96
N ARG A 218 -0.44 -3.12 -11.27
CA ARG A 218 -0.78 -2.64 -12.64
C ARG A 218 -0.13 -1.31 -13.00
N SER A 219 0.09 -0.47 -11.98
CA SER A 219 0.81 0.79 -12.17
C SER A 219 1.42 1.26 -10.87
N ALA A 220 2.62 1.82 -11.00
CA ALA A 220 3.54 2.08 -9.90
C ALA A 220 4.21 3.44 -10.01
N ASP A 221 3.84 4.32 -9.09
CA ASP A 221 4.57 5.54 -8.86
C ASP A 221 5.92 5.17 -8.19
N ILE A 222 7.01 5.21 -8.95
CA ILE A 222 8.29 4.77 -8.42
C ILE A 222 8.79 5.59 -7.22
N PHE A 223 8.74 6.93 -7.33
CA PHE A 223 9.22 7.74 -6.20
C PHE A 223 8.41 7.57 -4.91
N LEU A 224 7.08 7.79 -4.96
CA LEU A 224 6.22 7.77 -3.74
C LEU A 224 5.62 6.44 -3.38
N GLY A 225 5.10 5.71 -4.36
CA GLY A 225 4.32 4.50 -4.10
C GLY A 225 5.15 3.27 -3.78
N VAL A 226 6.05 2.94 -4.70
CA VAL A 226 6.80 1.68 -4.65
C VAL A 226 7.44 1.29 -3.28
N PRO A 227 8.19 2.22 -2.62
CA PRO A 227 8.82 1.82 -1.33
C PRO A 227 7.79 1.34 -0.32
N PHE A 228 6.74 2.13 -0.14
CA PHE A 228 5.58 1.76 0.65
C PHE A 228 4.95 0.40 0.24
N ASN A 229 4.85 0.16 -1.07
CA ASN A 229 4.24 -1.05 -1.65
C ASN A 229 5.06 -2.31 -1.47
N ILE A 230 6.38 -2.16 -1.49
CA ILE A 230 7.34 -3.25 -1.23
C ILE A 230 7.21 -3.73 0.21
N ALA A 231 7.17 -2.78 1.13
CA ALA A 231 7.10 -3.09 2.55
C ALA A 231 5.74 -3.70 2.93
N SER A 232 4.63 -3.16 2.43
CA SER A 232 3.29 -3.72 2.71
C SER A 232 3.21 -5.21 2.40
N TYR A 233 3.58 -5.55 1.17
CA TYR A 233 3.50 -6.92 0.64
C TYR A 233 4.61 -7.85 1.09
N ALA A 234 5.81 -7.31 1.36
CA ALA A 234 6.83 -8.09 2.09
C ALA A 234 6.38 -8.35 3.52
N LEU A 235 5.64 -7.41 4.12
CA LEU A 235 5.12 -7.64 5.47
C LEU A 235 4.08 -8.77 5.44
N LEU A 236 3.16 -8.71 4.48
CA LEU A 236 2.11 -9.71 4.34
C LEU A 236 2.71 -11.10 4.14
N THR A 237 3.80 -11.17 3.38
CA THR A 237 4.53 -12.45 3.19
C THR A 237 4.97 -13.06 4.54
N HIS A 238 5.64 -12.26 5.35
CA HIS A 238 6.05 -12.65 6.70
C HIS A 238 4.86 -13.08 7.55
N LEU A 239 3.80 -12.26 7.56
CA LEU A 239 2.60 -12.53 8.37
C LEU A 239 1.95 -13.86 8.06
N VAL A 240 1.72 -14.12 6.77
CA VAL A 240 1.15 -15.38 6.26
C VAL A 240 2.08 -16.56 6.51
N ALA A 241 3.38 -16.41 6.29
CA ALA A 241 4.36 -17.43 6.67
C ALA A 241 4.22 -17.72 8.17
N HIS A 242 4.13 -16.68 8.98
CA HIS A 242 4.07 -16.82 10.42
C HIS A 242 2.86 -17.68 10.86
N GLU A 243 1.67 -17.31 10.39
CA GLU A 243 0.45 -18.08 10.62
C GLU A 243 0.49 -19.53 10.15
N CYS A 244 1.19 -19.80 9.05
CA CYS A 244 1.26 -21.17 8.47
C CYS A 244 2.45 -22.01 8.97
N GLY A 245 3.29 -21.40 9.81
CA GLY A 245 4.43 -22.09 10.42
C GLY A 245 5.52 -22.35 9.40
N LEU A 246 5.70 -21.41 8.48
CA LEU A 246 6.61 -21.58 7.36
C LEU A 246 7.72 -20.59 7.54
N GLU A 247 8.87 -20.86 6.94
CA GLU A 247 9.89 -19.85 6.75
C GLU A 247 9.59 -18.97 5.53
N VAL A 248 10.33 -17.88 5.42
CA VAL A 248 10.03 -16.84 4.47
C VAL A 248 10.94 -16.98 3.23
N GLY A 249 10.36 -16.80 2.04
CA GLY A 249 11.09 -16.99 0.82
C GLY A 249 11.45 -15.66 0.17
N GLU A 250 10.90 -15.48 -1.02
CA GLU A 250 11.04 -14.25 -1.74
C GLU A 250 9.74 -13.45 -1.85
N PHE A 251 9.89 -12.14 -1.91
CA PHE A 251 8.82 -11.26 -2.38
C PHE A 251 9.23 -10.89 -3.79
N ILE A 252 8.31 -11.13 -4.73
CA ILE A 252 8.50 -10.75 -6.13
C ILE A 252 7.49 -9.69 -6.54
N HIS A 253 8.03 -8.53 -6.90
CA HIS A 253 7.26 -7.40 -7.28
C HIS A 253 7.23 -7.37 -8.79
N THR A 254 6.06 -7.59 -9.39
CA THR A 254 5.93 -7.48 -10.85
C THR A 254 5.08 -6.25 -11.21
N PHE A 255 5.52 -5.51 -12.22
CA PHE A 255 4.91 -4.23 -12.60
C PHE A 255 4.31 -4.19 -13.99
N GLY A 256 3.12 -3.62 -14.11
CA GLY A 256 2.64 -3.18 -15.43
C GLY A 256 3.38 -1.91 -15.82
N ASP A 257 2.73 -0.76 -15.66
CA ASP A 257 3.34 0.54 -15.90
C ASP A 257 4.07 1.05 -14.65
N ALA A 258 5.37 0.73 -14.57
CA ALA A 258 6.25 1.31 -13.58
C ALA A 258 6.78 2.65 -14.11
N HIS A 259 6.48 3.74 -13.40
CA HIS A 259 6.76 5.10 -13.89
C HIS A 259 7.38 6.09 -12.90
N LEU A 260 8.14 7.05 -13.41
CA LEU A 260 8.67 8.14 -12.61
C LEU A 260 7.89 9.41 -13.02
N TYR A 261 7.11 9.97 -12.09
CA TYR A 261 6.49 11.27 -12.41
C TYR A 261 7.57 12.27 -12.80
N VAL A 262 7.16 13.20 -13.66
CA VAL A 262 8.06 14.20 -14.23
C VAL A 262 8.63 15.11 -13.13
N ASN A 263 7.79 15.47 -12.17
CA ASN A 263 8.20 16.27 -11.03
C ASN A 263 8.73 15.47 -9.83
N HIS A 264 9.36 14.33 -10.09
CA HIS A 264 10.06 13.57 -9.02
C HIS A 264 11.46 13.22 -9.45
N LEU A 265 11.89 13.82 -10.56
CA LEU A 265 13.19 13.57 -11.16
C LEU A 265 14.39 14.00 -10.31
N ASP A 266 14.32 15.19 -9.72
CA ASP A 266 15.41 15.64 -8.86
C ASP A 266 15.49 14.81 -7.57
N GLN A 267 14.31 14.50 -7.03
CA GLN A 267 14.19 13.70 -5.81
C GLN A 267 14.80 12.32 -6.00
N ILE A 268 14.63 11.76 -7.19
CA ILE A 268 15.18 10.45 -7.46
C ILE A 268 16.70 10.51 -7.63
N LYS A 269 17.21 11.50 -8.39
CA LYS A 269 18.66 11.79 -8.50
C LYS A 269 19.34 12.03 -7.15
N GLU A 270 18.65 12.74 -6.26
CA GLU A 270 19.18 12.93 -4.90
C GLU A 270 19.39 11.58 -4.21
N GLN A 271 18.38 10.71 -4.30
CA GLN A 271 18.39 9.41 -3.60
C GLN A 271 19.40 8.41 -4.13
N LEU A 272 19.60 8.40 -5.45
CA LEU A 272 20.59 7.50 -6.08
C LEU A 272 22.03 7.76 -5.65
N SER A 273 22.29 8.92 -5.04
CA SER A 273 23.63 9.28 -4.56
C SER A 273 23.82 8.89 -3.09
N ARG A 274 22.76 8.34 -2.51
CA ARG A 274 22.76 7.79 -1.16
C ARG A 274 23.21 6.32 -1.19
N THR A 275 23.84 5.87 -0.11
CA THR A 275 24.46 4.54 -0.04
C THR A 275 23.66 3.66 0.94
N PRO A 276 23.00 2.61 0.42
CA PRO A 276 22.23 1.66 1.21
C PRO A 276 22.89 1.21 2.50
N ARG A 277 22.12 1.15 3.57
CA ARG A 277 22.63 0.68 4.87
C ARG A 277 22.13 -0.76 5.15
N PRO A 278 22.87 -1.51 5.99
CA PRO A 278 22.42 -2.86 6.34
C PRO A 278 20.90 -2.93 6.61
N ALA A 279 20.27 -3.98 6.08
CA ALA A 279 18.81 -4.07 6.11
C ALA A 279 18.28 -4.35 7.51
N PRO A 280 17.16 -3.70 7.89
CA PRO A 280 16.54 -3.97 9.19
C PRO A 280 16.06 -5.44 9.24
N THR A 281 15.75 -5.94 10.43
CA THR A 281 15.25 -7.30 10.54
C THR A 281 13.86 -7.31 11.19
N LEU A 282 12.99 -8.17 10.67
CA LEU A 282 11.63 -8.20 11.13
C LEU A 282 11.47 -9.17 12.29
N GLN A 283 10.72 -8.72 13.31
CA GLN A 283 10.40 -9.50 14.48
C GLN A 283 8.90 -9.70 14.63
N LEU A 284 8.45 -10.93 14.47
CA LEU A 284 7.04 -11.21 14.71
C LEU A 284 6.82 -11.94 16.05
N ASN A 285 5.66 -11.67 16.67
CA ASN A 285 5.27 -12.26 17.94
C ASN A 285 5.46 -13.77 17.84
N PRO A 286 6.39 -14.35 18.64
CA PRO A 286 6.55 -15.81 18.49
C PRO A 286 5.37 -16.61 19.06
N ASP A 287 4.54 -15.98 19.86
CA ASP A 287 3.54 -16.67 20.67
C ASP A 287 2.11 -16.39 20.25
N LYS A 288 1.98 -15.68 19.14
CA LYS A 288 0.71 -15.39 18.55
C LYS A 288 0.85 -15.66 17.05
N HIS A 289 -0.14 -16.31 16.46
CA HIS A 289 0.01 -16.75 15.07
C HIS A 289 -1.17 -16.40 14.13
N ASP A 290 -2.31 -16.06 14.72
CA ASP A 290 -3.54 -15.76 13.99
C ASP A 290 -3.56 -14.27 13.64
N ILE A 291 -3.18 -14.00 12.40
CA ILE A 291 -2.77 -12.67 11.95
C ILE A 291 -3.91 -11.66 11.85
N PHE A 292 -5.14 -12.19 11.75
CA PHE A 292 -6.34 -11.38 11.70
C PHE A 292 -6.63 -10.81 13.10
N ASP A 293 -5.92 -11.34 14.09
CA ASP A 293 -6.01 -10.92 15.48
C ASP A 293 -4.71 -10.20 15.88
N PHE A 294 -3.93 -9.77 14.89
CA PHE A 294 -2.68 -9.08 15.20
C PHE A 294 -2.92 -7.62 15.51
N ASP A 295 -2.13 -7.11 16.45
CA ASP A 295 -2.14 -5.71 16.84
C ASP A 295 -0.77 -5.14 16.50
N MET A 296 -0.60 -3.82 16.63
CA MET A 296 0.65 -3.10 16.28
C MET A 296 1.88 -3.65 16.99
N LYS A 297 1.71 -4.06 18.25
CA LYS A 297 2.82 -4.53 19.09
C LYS A 297 3.29 -5.94 18.71
N ASP A 298 2.46 -6.63 17.94
CA ASP A 298 2.79 -7.95 17.47
C ASP A 298 3.89 -7.93 16.37
N ILE A 299 4.11 -6.77 15.76
CA ILE A 299 5.06 -6.57 14.66
C ILE A 299 6.14 -5.54 15.05
N LYS A 300 7.41 -5.93 15.06
CA LYS A 300 8.51 -4.97 15.28
C LYS A 300 9.72 -5.05 14.33
N LEU A 301 10.22 -3.88 13.95
CA LEU A 301 11.35 -3.77 13.05
C LEU A 301 12.57 -3.33 13.85
N LEU A 302 13.66 -4.06 13.68
CA LEU A 302 14.90 -3.83 14.40
C LEU A 302 15.97 -3.25 13.49
N ASN A 303 16.72 -2.27 14.00
CA ASN A 303 17.87 -1.70 13.28
C ASN A 303 17.53 -0.94 11.98
N TYR A 304 16.37 -0.25 11.95
CA TYR A 304 16.03 0.60 10.81
C TYR A 304 16.69 1.97 10.93
N ASP A 305 17.38 2.34 9.86
CA ASP A 305 18.41 3.35 9.89
C ASP A 305 18.41 4.11 8.56
N PRO A 306 17.32 4.87 8.29
CA PRO A 306 17.11 5.53 7.02
C PRO A 306 17.78 6.88 6.93
N TYR A 307 18.16 7.26 5.73
CA TYR A 307 18.50 8.63 5.43
C TYR A 307 17.21 9.40 5.60
N PRO A 308 17.27 10.75 5.70
CA PRO A 308 16.01 11.50 5.82
C PRO A 308 14.96 11.28 4.70
N ALA A 309 13.73 11.69 4.96
CA ALA A 309 12.67 11.80 3.95
C ALA A 309 13.02 12.88 2.93
N ILE A 310 12.54 12.71 1.70
CA ILE A 310 12.81 13.67 0.63
C ILE A 310 11.51 14.35 0.24
N LYS A 311 11.58 15.65 -0.03
CA LYS A 311 10.39 16.43 -0.36
C LYS A 311 9.75 15.93 -1.66
N ALA A 312 8.47 16.23 -1.84
CA ALA A 312 7.79 15.96 -3.10
C ALA A 312 6.82 17.07 -3.46
N PRO A 313 6.36 17.07 -4.70
CA PRO A 313 4.95 17.37 -5.01
C PRO A 313 4.14 16.09 -5.23
N VAL A 314 2.94 16.04 -4.64
CA VAL A 314 2.16 14.80 -4.60
C VAL A 314 1.58 14.44 -5.97
N ALA A 315 1.89 13.21 -6.36
CA ALA A 315 1.79 12.70 -7.74
C ALA A 315 0.42 12.79 -8.48
N1 UMP B . 0.00 4.30 -6.96
C2 UMP B . 1.05 3.53 -6.46
N3 UMP B . 0.85 2.66 -5.40
C4 UMP B . -0.41 2.60 -4.79
C5 UMP B . -1.46 3.38 -5.28
C6 UMP B . -1.24 4.25 -6.35
O2 UMP B . 2.16 3.59 -6.99
O4 UMP B . -0.61 1.85 -3.82
C1' UMP B . 0.21 5.25 -8.05
C2' UMP B . 0.44 4.69 -9.44
C3' UMP B . -0.11 5.82 -10.29
C4' UMP B . -1.24 6.39 -9.48
O3' UMP B . 0.88 6.82 -10.43
O4' UMP B . -0.90 6.13 -8.12
C5' UMP B . -2.54 5.67 -9.82
O5' UMP B . -3.08 6.20 -11.01
P UMP B . -3.70 5.22 -12.13
OP1 UMP B . -4.98 4.60 -11.61
OP2 UMP B . -3.91 5.94 -13.42
OP3 UMP B . -2.71 4.15 -12.42
C1 C00 C . -5.00 5.36 -1.81
C1 C00 C . -0.24 4.79 -2.17
C2 C00 C . -5.13 6.55 -1.10
C2 C00 C . 0.85 5.08 -3.01
C6 C00 C . -2.77 6.64 -0.81
C6 C00 C . -0.42 6.79 -4.09
C8 C00 C . -2.63 5.45 -1.51
C8 C00 C . -1.52 6.52 -3.26
C13 C00 C . -3.66 3.49 -2.77
C13 C00 C . -2.60 5.19 -1.39
C15 C00 C . -1.17 5.23 -1.49
C15 C00 C . -2.55 7.49 -3.72
C26 C00 C . 0.79 6.33 -0.65
C26 C00 C . -2.70 9.21 -5.35
C28 C00 C . 1.36 7.46 -0.02
C28 C00 C . -3.86 9.02 -6.12
C30 C00 C . 2.74 7.61 0.16
C30 C00 C . -4.54 10.08 -6.77
C32 C00 C . 3.59 6.64 -0.29
C32 C00 C . -4.05 11.37 -6.64
C34 C00 C . 3.08 5.54 -0.92
C34 C00 C . -2.90 11.60 -5.88
C36 C00 C . 1.72 5.38 -1.09
C36 C00 C . -2.26 10.53 -5.25
C41 C00 C . 5.29 10.28 1.03
C41 C00 C . -7.79 10.70 -8.60
O23 C00 C . -1.29 8.15 0.24
O23 C00 C . -0.02 8.34 -5.83
C21 C00 C . -1.49 7.07 -0.43
C21 C00 C . -0.80 7.83 -4.93
C4 C00 C . -4.02 7.21 -0.60
C4 C00 C . 0.78 6.08 -3.97
N19 C00 C . -0.55 6.20 -0.84
N19 C00 C . -2.06 8.22 -4.72
O17 C00 C . -0.62 4.20 -2.05
O17 C00 C . -3.73 7.60 -3.23
C10 C00 C . -3.76 4.78 -2.01
C10 C00 C . -1.43 5.51 -2.30
O39 C00 C . 1.34 4.24 -1.74
O39 C00 C . -1.15 10.79 -4.52
C45 C00 C . 3.40 8.78 0.85
C45 C00 C . -5.78 9.83 -7.57
C46 C00 C . 4.65 9.23 0.40
C46 C00 C . -6.63 10.91 -7.86
C44 C00 C . 2.80 9.40 1.96
C44 C00 C . -6.10 8.56 -8.03
C43 C00 C . 3.44 10.47 2.58
C43 C00 C . -7.26 8.35 -8.78
C42 C00 C . 4.69 10.90 2.12
C42 C00 C . -8.11 9.43 -9.06
#